data_7FH2
#
_entry.id   7FH2
#
_cell.length_a   73.010
_cell.length_b   75.876
_cell.length_c   110.803
_cell.angle_alpha   90.00
_cell.angle_beta   90.00
_cell.angle_gamma   90.00
#
_symmetry.space_group_name_H-M   'P 21 21 21'
#
loop_
_entity.id
_entity.type
_entity.pdbx_description
1 polymer 'Bromodomain-containing protein 4'
2 non-polymer N-[2-[2-[(E)-3-(2,5-dimethoxyphenyl)prop-2-enoyl]-4,5-dimethoxy-phenyl]ethyl]ethanamide
3 non-polymer 'CHLORIDE ION'
4 water water
#
_entity_poly.entity_id   1
_entity_poly.type   'polypeptide(L)'
_entity_poly.pdbx_seq_one_letter_code
;MHHHHHHMSTNPPPPETSNPNKPKRQTNQLQYLLRVVLKTLWKHQFAWPFQQPVDAVKLNLPDYYKIIKTPMDMGTIKKR
LENNYYWNAQECIQDFNTMFTNCYIYNKPGDDIVLMAEALEKLFLQKINELPTEE
;
_entity_poly.pdbx_strand_id   A,B,C,D
#
loop_
_chem_comp.id
_chem_comp.type
_chem_comp.name
_chem_comp.formula
4JI non-polymer N-[2-[2-[(E)-3-(2,5-dimethoxyphenyl)prop-2-enoyl]-4,5-dimethoxy-phenyl]ethyl]ethanamide 'C23 H27 N O6'
CL non-polymer 'CHLORIDE ION' 'Cl -1'
#
# COMPACT_ATOMS: atom_id res chain seq x y z
N THR A 10 -11.49 -3.80 -28.82
CA THR A 10 -10.66 -2.63 -29.03
C THR A 10 -9.46 -2.61 -28.07
N ASN A 11 -8.33 -2.11 -28.55
CA ASN A 11 -7.14 -2.04 -27.72
C ASN A 11 -7.30 -0.96 -26.66
N PRO A 12 -6.71 -1.14 -25.48
CA PRO A 12 -6.71 -0.07 -24.49
C PRO A 12 -5.91 1.11 -24.99
N PRO A 13 -6.20 2.32 -24.53
CA PRO A 13 -5.44 3.48 -24.98
C PRO A 13 -4.00 3.36 -24.55
N PRO A 14 -3.06 3.83 -25.38
CA PRO A 14 -1.64 3.69 -25.06
C PRO A 14 -1.29 4.48 -23.82
N PRO A 15 -0.18 4.16 -23.16
CA PRO A 15 0.19 4.88 -21.93
C PRO A 15 0.41 6.36 -22.21
N GLU A 16 0.14 7.18 -21.20
CA GLU A 16 0.33 8.61 -21.32
C GLU A 16 1.79 8.92 -21.63
N THR A 17 2.02 9.93 -22.47
CA THR A 17 3.36 10.28 -22.92
C THR A 17 3.74 11.73 -22.62
N SER A 18 2.95 12.44 -21.83
CA SER A 18 3.23 13.85 -21.51
C SER A 18 2.86 14.11 -20.06
N ASN A 19 3.84 14.55 -19.27
CA ASN A 19 3.67 14.83 -17.85
C ASN A 19 3.07 16.20 -17.51
N PRO A 20 3.60 17.33 -18.04
CA PRO A 20 3.43 18.69 -17.49
C PRO A 20 2.41 18.90 -16.37
N GLN A 26 16.21 17.97 -18.61
CA GLN A 26 17.04 17.41 -19.68
C GLN A 26 18.44 17.04 -19.21
N THR A 27 18.57 15.93 -18.49
CA THR A 27 19.89 15.47 -18.07
C THR A 27 20.66 14.91 -19.27
N ASN A 28 21.95 14.66 -19.06
CA ASN A 28 22.77 14.07 -20.12
C ASN A 28 22.52 12.57 -20.26
N GLN A 29 22.13 11.91 -19.16
CA GLN A 29 21.84 10.49 -19.25
C GLN A 29 20.54 10.24 -20.01
N LEU A 30 19.53 11.09 -19.79
CA LEU A 30 18.29 10.96 -20.57
C LEU A 30 18.54 11.21 -22.04
N GLN A 31 19.35 12.23 -22.37
CA GLN A 31 19.72 12.45 -23.76
C GLN A 31 20.44 11.25 -24.34
N TYR A 32 21.29 10.61 -23.54
CA TYR A 32 22.00 9.42 -24.01
C TYR A 32 21.05 8.25 -24.22
N LEU A 33 20.10 8.05 -23.30
CA LEU A 33 19.13 6.97 -23.44
C LEU A 33 18.34 7.11 -24.74
N LEU A 34 17.89 8.33 -25.06
CA LEU A 34 17.15 8.56 -26.28
C LEU A 34 18.06 8.48 -27.51
N ARG A 35 19.12 9.29 -27.53
CA ARG A 35 19.92 9.48 -28.73
C ARG A 35 20.87 8.32 -29.01
N VAL A 36 21.16 7.47 -28.02
CA VAL A 36 22.12 6.40 -28.22
C VAL A 36 21.49 5.03 -27.93
N VAL A 37 20.97 4.86 -26.72
CA VAL A 37 20.45 3.56 -26.32
C VAL A 37 19.21 3.20 -27.13
N LEU A 38 18.18 4.03 -27.06
CA LEU A 38 16.92 3.73 -27.73
C LEU A 38 17.10 3.70 -29.24
N LYS A 39 17.89 4.62 -29.79
CA LYS A 39 18.04 4.71 -31.23
C LYS A 39 18.71 3.45 -31.80
N THR A 40 19.71 2.93 -31.10
CA THR A 40 20.38 1.72 -31.59
C THR A 40 19.48 0.50 -31.46
N LEU A 41 18.77 0.37 -30.33
CA LEU A 41 17.82 -0.72 -30.18
C LEU A 41 16.67 -0.61 -31.17
N TRP A 42 16.27 0.62 -31.52
CA TRP A 42 15.18 0.82 -32.46
C TRP A 42 15.53 0.30 -33.85
N LYS A 43 16.81 0.36 -34.23
CA LYS A 43 17.27 -0.10 -35.53
C LYS A 43 17.70 -1.55 -35.54
N HIS A 44 17.69 -2.21 -34.39
CA HIS A 44 18.02 -3.63 -34.33
C HIS A 44 16.97 -4.43 -35.09
N GLN A 45 17.39 -5.57 -35.65
CA GLN A 45 16.47 -6.36 -36.47
C GLN A 45 15.32 -6.92 -35.66
N PHE A 46 15.55 -7.22 -34.38
CA PHE A 46 14.53 -7.79 -33.51
C PHE A 46 13.65 -6.73 -32.86
N ALA A 47 13.69 -5.49 -33.35
CA ALA A 47 12.98 -4.40 -32.70
C ALA A 47 11.50 -4.32 -33.08
N TRP A 48 11.13 -4.86 -34.23
CA TRP A 48 9.77 -4.65 -34.76
C TRP A 48 8.63 -5.00 -33.79
N PRO A 49 8.66 -6.11 -33.04
CA PRO A 49 7.50 -6.41 -32.17
C PRO A 49 7.36 -5.46 -30.98
N PHE A 50 8.33 -4.58 -30.76
CA PHE A 50 8.33 -3.70 -29.60
C PHE A 50 8.33 -2.23 -29.97
N GLN A 51 8.08 -1.89 -31.24
CA GLN A 51 8.13 -0.51 -31.70
C GLN A 51 6.84 0.26 -31.47
N GLN A 52 5.78 -0.41 -31.03
CA GLN A 52 4.53 0.26 -30.69
C GLN A 52 3.78 -0.65 -29.72
N PRO A 53 2.69 -0.16 -29.12
CA PRO A 53 1.93 -1.02 -28.20
C PRO A 53 1.41 -2.27 -28.90
N VAL A 54 1.40 -3.38 -28.15
CA VAL A 54 0.92 -4.64 -28.68
C VAL A 54 -0.51 -4.48 -29.16
N ASP A 55 -0.74 -4.74 -30.45
CA ASP A 55 -2.06 -4.62 -31.05
C ASP A 55 -2.80 -5.93 -30.81
N ALA A 56 -3.43 -6.01 -29.64
CA ALA A 56 -4.10 -7.23 -29.23
C ALA A 56 -5.30 -7.55 -30.11
N VAL A 57 -5.91 -6.53 -30.71
CA VAL A 57 -7.04 -6.75 -31.60
C VAL A 57 -6.57 -7.39 -32.91
N LYS A 58 -5.58 -6.77 -33.56
CA LYS A 58 -5.11 -7.29 -34.85
C LYS A 58 -4.40 -8.63 -34.67
N LEU A 59 -3.63 -8.78 -33.60
CA LEU A 59 -2.95 -10.04 -33.34
C LEU A 59 -3.87 -11.10 -32.74
N ASN A 60 -5.11 -10.74 -32.43
CA ASN A 60 -6.09 -11.65 -31.83
C ASN A 60 -5.57 -12.27 -30.54
N LEU A 61 -5.24 -11.39 -29.60
CA LEU A 61 -4.78 -11.78 -28.26
C LEU A 61 -5.73 -11.15 -27.25
N PRO A 62 -6.89 -11.75 -27.02
CA PRO A 62 -7.86 -11.17 -26.07
C PRO A 62 -7.42 -11.25 -24.62
N ASP A 63 -6.34 -11.97 -24.31
CA ASP A 63 -5.88 -12.11 -22.94
C ASP A 63 -4.64 -11.26 -22.63
N TYR A 64 -4.07 -10.57 -23.63
CA TYR A 64 -2.83 -9.84 -23.39
C TYR A 64 -3.00 -8.77 -22.33
N TYR A 65 -3.99 -7.90 -22.50
CA TYR A 65 -4.21 -6.83 -21.54
C TYR A 65 -4.92 -7.28 -20.28
N LYS A 66 -5.29 -8.56 -20.18
CA LYS A 66 -5.71 -9.09 -18.90
C LYS A 66 -4.50 -9.54 -18.07
N ILE A 67 -3.48 -10.07 -18.74
CA ILE A 67 -2.27 -10.51 -18.02
C ILE A 67 -1.32 -9.35 -17.82
N ILE A 68 -0.99 -8.62 -18.88
CA ILE A 68 -0.06 -7.50 -18.81
C ILE A 68 -0.84 -6.27 -18.35
N LYS A 69 -0.64 -5.87 -17.10
CA LYS A 69 -1.37 -4.74 -16.55
C LYS A 69 -0.58 -3.43 -16.60
N THR A 70 0.74 -3.50 -16.83
CA THR A 70 1.56 -2.32 -17.09
C THR A 70 2.24 -2.53 -18.44
N PRO A 71 1.54 -2.26 -19.53
CA PRO A 71 2.13 -2.46 -20.85
C PRO A 71 3.11 -1.35 -21.21
N MET A 72 4.09 -1.69 -22.03
CA MET A 72 5.13 -0.73 -22.39
C MET A 72 5.86 -1.17 -23.66
N ASP A 73 6.21 -0.20 -24.49
CA ASP A 73 6.88 -0.44 -25.75
C ASP A 73 7.91 0.65 -26.01
N MET A 74 8.81 0.40 -26.96
CA MET A 74 9.84 1.38 -27.30
C MET A 74 9.25 2.64 -27.90
N GLY A 75 8.12 2.53 -28.60
CA GLY A 75 7.51 3.72 -29.18
C GLY A 75 7.06 4.70 -28.11
N THR A 76 6.49 4.19 -27.02
CA THR A 76 6.08 5.07 -25.93
C THR A 76 7.27 5.64 -25.18
N ILE A 77 8.37 4.89 -25.09
CA ILE A 77 9.59 5.44 -24.49
C ILE A 77 10.07 6.65 -25.28
N LYS A 78 10.10 6.52 -26.62
CA LYS A 78 10.53 7.63 -27.46
C LYS A 78 9.66 8.85 -27.24
N LYS A 79 8.33 8.65 -27.28
CA LYS A 79 7.41 9.76 -27.02
C LYS A 79 7.62 10.34 -25.63
N ARG A 80 7.93 9.47 -24.65
CA ARG A 80 8.20 9.96 -23.29
C ARG A 80 9.55 10.64 -23.20
N LEU A 81 10.56 10.11 -23.91
CA LEU A 81 11.88 10.73 -23.89
C LEU A 81 11.90 12.05 -24.65
N GLU A 82 11.03 12.20 -25.64
CA GLU A 82 10.97 13.43 -26.41
C GLU A 82 10.13 14.52 -25.74
N ASN A 83 9.30 14.15 -24.76
CA ASN A 83 8.47 15.12 -24.06
C ASN A 83 8.96 15.37 -22.63
N ASN A 84 10.17 14.94 -22.29
CA ASN A 84 10.73 15.10 -20.94
C ASN A 84 9.80 14.53 -19.88
N TYR A 85 9.15 13.41 -20.21
CA TYR A 85 8.27 12.74 -19.26
C TYR A 85 9.03 12.32 -18.00
N TYR A 86 10.21 11.75 -18.19
CA TYR A 86 10.99 11.23 -17.07
C TYR A 86 11.74 12.36 -16.38
N TRP A 87 11.83 12.27 -15.06
CA TRP A 87 12.66 13.20 -14.30
C TRP A 87 14.13 12.79 -14.30
N ASN A 88 14.41 11.50 -14.43
CA ASN A 88 15.77 11.00 -14.35
C ASN A 88 15.91 9.76 -15.21
N ALA A 89 17.15 9.29 -15.33
CA ALA A 89 17.42 8.14 -16.19
C ALA A 89 16.90 6.84 -15.60
N GLN A 90 16.80 6.76 -14.27
CA GLN A 90 16.34 5.52 -13.63
C GLN A 90 14.89 5.23 -13.96
N GLU A 91 14.05 6.29 -14.00
CA GLU A 91 12.65 6.11 -14.35
C GLU A 91 12.52 5.59 -15.77
N CYS A 92 13.39 6.05 -16.67
CA CYS A 92 13.34 5.59 -18.05
C CYS A 92 13.85 4.16 -18.18
N ILE A 93 14.93 3.82 -17.46
CA ILE A 93 15.44 2.46 -17.49
C ILE A 93 14.41 1.47 -16.98
N GLN A 94 13.57 1.89 -16.04
CA GLN A 94 12.53 0.99 -15.53
C GLN A 94 11.51 0.66 -16.60
N ASP A 95 11.20 1.60 -17.49
CA ASP A 95 10.24 1.32 -18.55
C ASP A 95 10.75 0.26 -19.52
N PHE A 96 12.05 0.30 -19.85
CA PHE A 96 12.63 -0.77 -20.65
C PHE A 96 12.49 -2.12 -19.95
N ASN A 97 12.81 -2.16 -18.65
CA ASN A 97 12.65 -3.40 -17.89
C ASN A 97 11.19 -3.82 -17.81
N THR A 98 10.28 -2.84 -17.73
CA THR A 98 8.85 -3.17 -17.81
C THR A 98 8.53 -3.80 -19.17
N MET A 99 9.12 -3.26 -20.24
CA MET A 99 8.86 -3.79 -21.57
C MET A 99 9.39 -5.20 -21.73
N PHE A 100 10.63 -5.43 -21.28
CA PHE A 100 11.22 -6.77 -21.42
C PHE A 100 10.48 -7.79 -20.57
N THR A 101 10.24 -7.47 -19.29
CA THR A 101 9.58 -8.42 -18.41
C THR A 101 8.16 -8.73 -18.86
N ASN A 102 7.46 -7.75 -19.44
CA ASN A 102 6.13 -8.02 -19.99
C ASN A 102 6.18 -9.12 -21.03
N CYS A 103 7.18 -9.08 -21.92
CA CYS A 103 7.31 -10.11 -22.94
C CYS A 103 7.54 -11.48 -22.32
N TYR A 104 8.40 -11.55 -21.30
CA TYR A 104 8.68 -12.82 -20.64
C TYR A 104 7.46 -13.37 -19.92
N ILE A 105 6.60 -12.50 -19.41
CA ILE A 105 5.42 -12.95 -18.67
C ILE A 105 4.39 -13.54 -19.62
N TYR A 106 4.07 -12.82 -20.70
CA TYR A 106 2.98 -13.24 -21.57
C TYR A 106 3.37 -14.44 -22.41
N ASN A 107 4.52 -14.37 -23.09
CA ASN A 107 4.91 -15.43 -23.99
C ASN A 107 5.55 -16.58 -23.21
N LYS A 108 5.79 -17.66 -23.89
CA LYS A 108 6.37 -18.85 -23.31
C LYS A 108 7.87 -18.89 -23.55
N PRO A 109 8.63 -19.40 -22.59
CA PRO A 109 10.08 -19.57 -22.81
C PRO A 109 10.33 -20.47 -24.01
N GLY A 110 11.35 -20.10 -24.80
CA GLY A 110 11.66 -20.78 -26.03
C GLY A 110 11.06 -20.14 -27.27
N ASP A 111 9.98 -19.38 -27.12
CA ASP A 111 9.42 -18.65 -28.24
C ASP A 111 10.46 -17.72 -28.85
N ASP A 112 10.37 -17.53 -30.17
CA ASP A 112 11.34 -16.69 -30.85
C ASP A 112 11.27 -15.24 -30.36
N ILE A 113 10.08 -14.77 -30.00
CA ILE A 113 9.97 -13.39 -29.51
C ILE A 113 10.65 -13.24 -28.16
N VAL A 114 10.59 -14.27 -27.31
CA VAL A 114 11.31 -14.24 -26.04
C VAL A 114 12.81 -14.15 -26.29
N LEU A 115 13.32 -14.95 -27.23
CA LEU A 115 14.74 -14.88 -27.57
C LEU A 115 15.09 -13.52 -28.15
N MET A 116 14.19 -12.93 -28.94
CA MET A 116 14.41 -11.58 -29.45
C MET A 116 14.46 -10.57 -28.31
N ALA A 117 13.57 -10.71 -27.33
CA ALA A 117 13.56 -9.79 -26.20
C ALA A 117 14.82 -9.94 -25.36
N GLU A 118 15.29 -11.18 -25.18
CA GLU A 118 16.54 -11.40 -24.44
C GLU A 118 17.71 -10.73 -25.15
N ALA A 119 17.81 -10.90 -26.46
CA ALA A 119 18.88 -10.27 -27.22
C ALA A 119 18.80 -8.76 -27.16
N LEU A 120 17.59 -8.21 -27.14
CA LEU A 120 17.44 -6.76 -27.04
C LEU A 120 17.84 -6.25 -25.65
N GLU A 121 17.46 -6.98 -24.60
CA GLU A 121 17.82 -6.57 -23.25
C GLU A 121 19.32 -6.67 -23.01
N LYS A 122 19.93 -7.77 -23.46
CA LYS A 122 21.37 -7.94 -23.26
C LYS A 122 22.17 -6.85 -23.97
N LEU A 123 21.69 -6.41 -25.14
CA LEU A 123 22.30 -5.25 -25.78
C LEU A 123 21.94 -3.96 -25.05
N PHE A 124 20.75 -3.90 -24.45
CA PHE A 124 20.36 -2.71 -23.69
C PHE A 124 21.25 -2.51 -22.48
N LEU A 125 21.61 -3.60 -21.79
CA LEU A 125 22.49 -3.51 -20.63
C LEU A 125 23.90 -3.10 -21.01
N GLN A 126 24.33 -3.37 -22.25
CA GLN A 126 25.63 -2.89 -22.71
C GLN A 126 25.61 -1.39 -22.94
N LYS A 127 24.55 -0.88 -23.58
CA LYS A 127 24.46 0.54 -23.86
C LYS A 127 24.38 1.35 -22.56
N ILE A 128 23.63 0.87 -21.57
CA ILE A 128 23.57 1.55 -20.28
C ILE A 128 24.79 1.26 -19.42
N ASN A 129 25.62 0.28 -19.80
CA ASN A 129 26.82 0.00 -19.04
C ASN A 129 27.87 1.10 -19.19
N GLU A 130 27.75 1.94 -20.21
CA GLU A 130 28.64 3.09 -20.40
C GLU A 130 27.77 4.33 -20.65
N LEU A 131 27.35 4.97 -19.57
CA LEU A 131 26.55 6.19 -19.65
C LEU A 131 27.16 7.25 -18.73
N PRO A 132 26.95 8.55 -19.05
CA PRO A 132 27.47 9.66 -18.24
C PRO A 132 27.04 9.59 -16.76
N THR B 10 -8.44 -17.50 19.01
CA THR B 10 -7.80 -17.40 17.70
C THR B 10 -8.84 -17.36 16.58
N ASN B 11 -8.64 -16.46 15.62
CA ASN B 11 -9.53 -16.37 14.49
C ASN B 11 -9.50 -17.67 13.69
N PRO B 12 -10.64 -18.16 13.23
CA PRO B 12 -10.66 -19.35 12.38
C PRO B 12 -10.05 -19.03 11.02
N PRO B 13 -9.59 -20.04 10.29
CA PRO B 13 -8.98 -19.78 8.98
C PRO B 13 -10.00 -19.16 8.04
N PRO B 14 -9.57 -18.22 7.20
CA PRO B 14 -10.50 -17.57 6.26
C PRO B 14 -11.01 -18.56 5.24
N PRO B 15 -12.12 -18.26 4.57
CA PRO B 15 -12.72 -19.23 3.65
C PRO B 15 -11.80 -19.57 2.49
N GLU B 16 -12.08 -20.73 1.88
CA GLU B 16 -11.31 -21.17 0.72
C GLU B 16 -11.40 -20.14 -0.40
N THR B 17 -10.30 -20.02 -1.16
CA THR B 17 -10.21 -19.04 -2.24
C THR B 17 -9.95 -19.65 -3.60
N SER B 18 -9.73 -20.97 -3.69
CA SER B 18 -9.58 -21.64 -4.97
C SER B 18 -9.82 -23.12 -4.78
N ASN B 19 -10.14 -23.79 -5.88
CA ASN B 19 -10.38 -25.22 -5.89
C ASN B 19 -9.92 -25.76 -7.23
N PRO B 20 -9.62 -27.08 -7.32
CA PRO B 20 -9.20 -27.65 -8.60
C PRO B 20 -10.31 -27.62 -9.65
N THR B 27 -15.66 -15.96 -17.41
CA THR B 27 -16.82 -15.45 -18.12
C THR B 27 -16.86 -13.93 -18.05
N ASN B 28 -17.79 -13.32 -18.78
CA ASN B 28 -17.84 -11.87 -18.87
C ASN B 28 -18.57 -11.22 -17.69
N GLN B 29 -19.56 -11.91 -17.13
CA GLN B 29 -20.25 -11.36 -15.97
C GLN B 29 -19.37 -11.39 -14.72
N LEU B 30 -18.55 -12.45 -14.58
CA LEU B 30 -17.62 -12.51 -13.46
C LEU B 30 -16.52 -11.47 -13.60
N GLN B 31 -16.09 -11.21 -14.84
CA GLN B 31 -15.10 -10.15 -15.07
C GLN B 31 -15.68 -8.80 -14.70
N TYR B 32 -16.97 -8.58 -14.97
CA TYR B 32 -17.61 -7.33 -14.59
C TYR B 32 -17.75 -7.23 -13.08
N LEU B 33 -18.12 -8.32 -12.42
CA LEU B 33 -18.23 -8.32 -10.96
C LEU B 33 -16.90 -7.97 -10.32
N LEU B 34 -15.79 -8.52 -10.84
CA LEU B 34 -14.48 -8.23 -10.27
C LEU B 34 -14.03 -6.82 -10.62
N ARG B 35 -14.08 -6.47 -11.92
CA ARG B 35 -13.48 -5.24 -12.39
C ARG B 35 -14.37 -4.01 -12.25
N VAL B 36 -15.66 -4.17 -12.04
CA VAL B 36 -16.54 -3.02 -11.90
C VAL B 36 -17.24 -3.01 -10.54
N VAL B 37 -18.00 -4.07 -10.26
CA VAL B 37 -18.79 -4.09 -9.04
C VAL B 37 -17.89 -4.08 -7.80
N LEU B 38 -16.99 -5.06 -7.71
CA LEU B 38 -16.18 -5.20 -6.51
C LEU B 38 -15.19 -4.05 -6.36
N LYS B 39 -14.61 -3.59 -7.48
CA LYS B 39 -13.64 -2.50 -7.42
C LYS B 39 -14.27 -1.21 -6.90
N THR B 40 -15.45 -0.87 -7.42
CA THR B 40 -16.10 0.36 -6.96
C THR B 40 -16.52 0.26 -5.50
N LEU B 41 -17.05 -0.90 -5.08
CA LEU B 41 -17.37 -1.09 -3.68
C LEU B 41 -16.11 -1.14 -2.82
N TRP B 42 -14.99 -1.56 -3.39
CA TRP B 42 -13.75 -1.63 -2.61
C TRP B 42 -13.23 -0.23 -2.25
N LYS B 43 -13.45 0.75 -3.12
CA LYS B 43 -12.99 2.11 -2.90
C LYS B 43 -14.04 2.99 -2.24
N HIS B 44 -15.21 2.45 -1.92
CA HIS B 44 -16.25 3.23 -1.25
C HIS B 44 -15.79 3.61 0.16
N GLN B 45 -16.39 4.67 0.69
CA GLN B 45 -16.02 5.16 2.01
C GLN B 45 -16.24 4.09 3.09
N PHE B 46 -17.35 3.37 2.99
CA PHE B 46 -17.78 2.44 4.03
C PHE B 46 -17.27 1.02 3.81
N ALA B 47 -16.22 0.85 3.02
CA ALA B 47 -15.72 -0.47 2.64
C ALA B 47 -14.78 -1.07 3.67
N TRP B 48 -14.13 -0.25 4.50
CA TRP B 48 -13.07 -0.74 5.37
C TRP B 48 -13.44 -1.92 6.26
N PRO B 49 -14.59 -1.96 6.94
CA PRO B 49 -14.85 -3.11 7.83
C PRO B 49 -15.07 -4.42 7.09
N PHE B 50 -15.26 -4.38 5.78
CA PHE B 50 -15.59 -5.56 4.99
C PHE B 50 -14.49 -5.95 4.02
N GLN B 51 -13.27 -5.42 4.20
CA GLN B 51 -12.19 -5.67 3.26
C GLN B 51 -11.33 -6.89 3.63
N GLN B 52 -11.56 -7.49 4.78
CA GLN B 52 -10.89 -8.75 5.13
C GLN B 52 -11.79 -9.47 6.13
N PRO B 53 -11.47 -10.72 6.45
CA PRO B 53 -12.27 -11.43 7.46
C PRO B 53 -12.29 -10.69 8.79
N VAL B 54 -13.46 -10.69 9.43
CA VAL B 54 -13.63 -10.03 10.72
C VAL B 54 -12.63 -10.61 11.71
N ASP B 55 -11.78 -9.74 12.26
CA ASP B 55 -10.76 -10.15 13.22
C ASP B 55 -11.42 -10.18 14.59
N ALA B 56 -11.99 -11.35 14.94
CA ALA B 56 -12.66 -11.50 16.22
C ALA B 56 -11.69 -11.39 17.40
N VAL B 57 -10.41 -11.69 17.19
CA VAL B 57 -9.44 -11.57 18.27
C VAL B 57 -9.13 -10.11 18.55
N LYS B 58 -8.68 -9.36 17.53
CA LYS B 58 -8.32 -7.97 17.74
C LYS B 58 -9.54 -7.13 18.15
N LEU B 59 -10.69 -7.38 17.53
CA LEU B 59 -11.92 -6.68 17.87
C LEU B 59 -12.56 -7.19 19.15
N ASN B 60 -12.02 -8.26 19.74
CA ASN B 60 -12.54 -8.86 20.97
C ASN B 60 -14.03 -9.18 20.86
N LEU B 61 -14.34 -10.04 19.88
CA LEU B 61 -15.70 -10.51 19.62
C LEU B 61 -15.70 -12.03 19.72
N PRO B 62 -15.66 -12.59 20.92
CA PRO B 62 -15.56 -14.05 21.07
C PRO B 62 -16.80 -14.80 20.62
N ASP B 63 -17.87 -14.11 20.21
CA ASP B 63 -19.10 -14.76 19.78
C ASP B 63 -19.41 -14.58 18.31
N TYR B 64 -18.61 -13.82 17.57
CA TYR B 64 -18.92 -13.57 16.16
C TYR B 64 -18.95 -14.85 15.35
N TYR B 65 -17.88 -15.65 15.46
CA TYR B 65 -17.83 -16.90 14.72
C TYR B 65 -18.68 -17.99 15.36
N LYS B 66 -19.28 -17.74 16.52
CA LYS B 66 -20.32 -18.62 17.03
C LYS B 66 -21.66 -18.36 16.36
N ILE B 67 -21.93 -17.11 16.01
CA ILE B 67 -23.18 -16.73 15.37
C ILE B 67 -23.08 -16.79 13.85
N ILE B 68 -21.97 -16.30 13.30
CA ILE B 68 -21.74 -16.26 11.86
C ILE B 68 -21.05 -17.56 11.47
N LYS B 69 -21.80 -18.49 10.90
CA LYS B 69 -21.27 -19.80 10.56
C LYS B 69 -20.73 -19.90 9.13
N THR B 70 -21.08 -18.95 8.26
CA THR B 70 -20.49 -18.83 6.93
C THR B 70 -20.06 -17.39 6.74
N PRO B 71 -18.89 -17.01 7.29
CA PRO B 71 -18.43 -15.64 7.12
C PRO B 71 -17.94 -15.38 5.70
N MET B 72 -18.03 -14.11 5.29
CA MET B 72 -17.65 -13.71 3.94
C MET B 72 -17.30 -12.24 3.93
N ASP B 73 -16.27 -11.88 3.17
CA ASP B 73 -15.81 -10.50 3.08
C ASP B 73 -15.36 -10.20 1.67
N MET B 74 -15.24 -8.90 1.36
CA MET B 74 -14.84 -8.48 0.02
C MET B 74 -13.43 -8.93 -0.33
N GLY B 75 -12.56 -9.09 0.67
CA GLY B 75 -11.22 -9.59 0.39
C GLY B 75 -11.24 -11.03 -0.07
N THR B 76 -12.04 -11.87 0.60
CA THR B 76 -12.19 -13.25 0.17
C THR B 76 -12.86 -13.34 -1.21
N ILE B 77 -13.84 -12.47 -1.46
CA ILE B 77 -14.50 -12.45 -2.76
C ILE B 77 -13.51 -12.10 -3.86
N LYS B 78 -12.62 -11.13 -3.59
CA LYS B 78 -11.62 -10.74 -4.57
C LYS B 78 -10.68 -11.88 -4.90
N LYS B 79 -10.15 -12.56 -3.88
CA LYS B 79 -9.28 -13.70 -4.10
C LYS B 79 -10.03 -14.80 -4.85
N ARG B 80 -11.31 -14.99 -4.53
CA ARG B 80 -12.09 -15.99 -5.25
C ARG B 80 -12.32 -15.59 -6.70
N LEU B 81 -12.60 -14.30 -6.95
CA LEU B 81 -12.79 -13.84 -8.32
C LEU B 81 -11.48 -13.92 -9.11
N GLU B 82 -10.35 -13.65 -8.44
CA GLU B 82 -9.06 -13.69 -9.12
C GLU B 82 -8.55 -15.10 -9.35
N ASN B 83 -9.07 -16.08 -8.63
CA ASN B 83 -8.66 -17.48 -8.80
C ASN B 83 -9.67 -18.30 -9.58
N ASN B 84 -10.67 -17.66 -10.19
CA ASN B 84 -11.71 -18.36 -10.93
C ASN B 84 -12.46 -19.37 -10.05
N TYR B 85 -12.65 -19.01 -8.79
CA TYR B 85 -13.35 -19.89 -7.85
C TYR B 85 -14.78 -20.12 -8.28
N TYR B 86 -15.46 -19.07 -8.75
CA TYR B 86 -16.85 -19.17 -9.11
C TYR B 86 -17.00 -19.76 -10.51
N TRP B 87 -17.99 -20.63 -10.66
CA TRP B 87 -18.36 -21.12 -11.98
C TRP B 87 -19.24 -20.14 -12.75
N ASN B 88 -19.94 -19.25 -12.05
CA ASN B 88 -20.87 -18.33 -12.70
C ASN B 88 -21.08 -17.13 -11.78
N ALA B 89 -21.78 -16.13 -12.31
CA ALA B 89 -21.98 -14.89 -11.58
C ALA B 89 -22.89 -15.06 -10.37
N GLN B 90 -23.85 -15.99 -10.45
CA GLN B 90 -24.78 -16.17 -9.34
C GLN B 90 -24.06 -16.65 -8.08
N GLU B 91 -23.09 -17.55 -8.24
CA GLU B 91 -22.32 -18.00 -7.09
C GLU B 91 -21.57 -16.85 -6.44
N CYS B 92 -21.13 -15.88 -7.23
CA CYS B 92 -20.41 -14.73 -6.69
C CYS B 92 -21.36 -13.74 -6.04
N ILE B 93 -22.52 -13.48 -6.67
CA ILE B 93 -23.51 -12.58 -6.09
C ILE B 93 -23.99 -13.10 -4.74
N GLN B 94 -24.08 -14.42 -4.59
CA GLN B 94 -24.50 -14.97 -3.30
C GLN B 94 -23.50 -14.68 -2.20
N ASP B 95 -22.21 -14.58 -2.54
CA ASP B 95 -21.22 -14.27 -1.52
C ASP B 95 -21.33 -12.84 -1.02
N PHE B 96 -21.71 -11.90 -1.91
CA PHE B 96 -22.01 -10.54 -1.45
C PHE B 96 -23.21 -10.53 -0.51
N ASN B 97 -24.29 -11.23 -0.89
CA ASN B 97 -25.46 -11.30 -0.03
C ASN B 97 -25.15 -12.01 1.28
N THR B 98 -24.24 -12.99 1.27
CA THR B 98 -23.81 -13.60 2.51
C THR B 98 -23.10 -12.58 3.40
N MET B 99 -22.25 -11.75 2.80
CA MET B 99 -21.53 -10.73 3.55
C MET B 99 -22.48 -9.71 4.15
N PHE B 100 -23.42 -9.22 3.34
CA PHE B 100 -24.37 -8.23 3.85
C PHE B 100 -25.25 -8.81 4.95
N THR B 101 -25.84 -9.98 4.70
CA THR B 101 -26.71 -10.59 5.70
C THR B 101 -25.96 -10.98 6.96
N ASN B 102 -24.68 -11.38 6.84
CA ASN B 102 -23.87 -11.64 8.02
C ASN B 102 -23.83 -10.42 8.93
N CYS B 103 -23.62 -9.25 8.34
CA CYS B 103 -23.54 -8.01 9.12
C CYS B 103 -24.86 -7.68 9.78
N TYR B 104 -25.97 -7.89 9.07
CA TYR B 104 -27.29 -7.61 9.65
C TYR B 104 -27.62 -8.56 10.79
N ILE B 105 -27.15 -9.81 10.71
CA ILE B 105 -27.44 -10.78 11.76
C ILE B 105 -26.69 -10.43 13.04
N TYR B 106 -25.38 -10.21 12.93
CA TYR B 106 -24.55 -10.05 14.12
C TYR B 106 -24.80 -8.72 14.80
N ASN B 107 -24.71 -7.62 14.05
CA ASN B 107 -24.85 -6.31 14.66
C ASN B 107 -26.33 -5.98 14.87
N LYS B 108 -26.56 -4.91 15.58
CA LYS B 108 -27.91 -4.47 15.87
C LYS B 108 -28.36 -3.42 14.85
N PRO B 109 -29.64 -3.42 14.50
CA PRO B 109 -30.16 -2.38 13.60
C PRO B 109 -29.95 -1.00 14.22
N GLY B 110 -29.58 -0.04 13.37
CA GLY B 110 -29.27 1.30 13.80
C GLY B 110 -27.79 1.56 13.99
N ASP B 111 -27.00 0.52 14.25
CA ASP B 111 -25.56 0.68 14.33
C ASP B 111 -25.02 1.24 13.02
N ASP B 112 -23.98 2.04 13.11
CA ASP B 112 -23.42 2.66 11.92
C ASP B 112 -22.89 1.62 10.93
N ILE B 113 -22.36 0.51 11.44
CA ILE B 113 -21.85 -0.52 10.53
C ILE B 113 -22.99 -1.14 9.72
N VAL B 114 -24.17 -1.29 10.34
CA VAL B 114 -25.33 -1.76 9.60
C VAL B 114 -25.72 -0.77 8.52
N LEU B 115 -25.79 0.51 8.89
CA LEU B 115 -26.05 1.56 7.90
C LEU B 115 -24.99 1.56 6.81
N MET B 116 -23.74 1.31 7.17
CA MET B 116 -22.69 1.21 6.16
C MET B 116 -22.91 -0.01 5.26
N ALA B 117 -23.31 -1.13 5.85
CA ALA B 117 -23.55 -2.34 5.06
C ALA B 117 -24.70 -2.14 4.09
N GLU B 118 -25.79 -1.50 4.55
CA GLU B 118 -26.92 -1.21 3.68
C GLU B 118 -26.50 -0.33 2.51
N ALA B 119 -25.74 0.73 2.79
CA ALA B 119 -25.25 1.60 1.72
C ALA B 119 -24.42 0.83 0.71
N LEU B 120 -23.64 -0.16 1.19
CA LEU B 120 -22.84 -0.96 0.27
C LEU B 120 -23.72 -1.91 -0.54
N GLU B 121 -24.75 -2.50 0.10
CA GLU B 121 -25.66 -3.38 -0.62
C GLU B 121 -26.48 -2.61 -1.64
N LYS B 122 -27.03 -1.46 -1.24
CA LYS B 122 -27.82 -0.65 -2.16
C LYS B 122 -26.97 -0.20 -3.35
N LEU B 123 -25.69 0.08 -3.11
CA LEU B 123 -24.77 0.35 -4.21
C LEU B 123 -24.50 -0.91 -5.01
N PHE B 124 -24.48 -2.07 -4.35
CA PHE B 124 -24.19 -3.33 -5.03
C PHE B 124 -25.32 -3.70 -5.98
N LEU B 125 -26.57 -3.59 -5.51
CA LEU B 125 -27.71 -3.90 -6.37
C LEU B 125 -27.77 -2.94 -7.56
N GLN B 126 -27.34 -1.70 -7.37
CA GLN B 126 -27.31 -0.74 -8.47
C GLN B 126 -26.28 -1.14 -9.52
N LYS B 127 -25.12 -1.63 -9.09
CA LYS B 127 -24.08 -2.02 -10.04
C LYS B 127 -24.46 -3.28 -10.82
N ILE B 128 -25.06 -4.26 -10.13
CA ILE B 128 -25.49 -5.48 -10.82
C ILE B 128 -26.76 -5.26 -11.64
N ASN B 129 -27.42 -4.11 -11.48
CA ASN B 129 -28.56 -3.80 -12.33
C ASN B 129 -28.16 -3.57 -13.78
N GLU B 130 -26.87 -3.35 -14.04
CA GLU B 130 -26.34 -3.19 -15.39
C GLU B 130 -25.23 -4.22 -15.57
N LEU B 131 -25.61 -5.43 -15.93
CA LEU B 131 -24.70 -6.55 -16.12
C LEU B 131 -24.55 -6.88 -17.60
N PRO B 132 -23.43 -7.46 -18.00
CA PRO B 132 -23.34 -8.03 -19.35
C PRO B 132 -24.34 -9.15 -19.54
N THR B 133 -24.52 -9.53 -20.80
CA THR B 133 -25.50 -10.56 -21.19
C THR B 133 -26.91 -10.21 -20.72
N ASN C 28 20.77 11.44 28.73
CA ASN C 28 20.97 10.12 29.33
C ASN C 28 19.64 9.41 29.53
N GLN C 29 18.81 9.96 30.41
CA GLN C 29 17.56 9.29 30.78
C GLN C 29 16.56 9.31 29.63
N LEU C 30 16.27 10.51 29.10
CA LEU C 30 15.26 10.62 28.05
C LEU C 30 15.65 9.85 26.80
N GLN C 31 16.94 9.80 26.47
CA GLN C 31 17.36 8.98 25.35
C GLN C 31 17.29 7.50 25.68
N TYR C 32 17.53 7.13 26.94
CA TYR C 32 17.39 5.74 27.34
C TYR C 32 15.93 5.30 27.27
N LEU C 33 15.00 6.18 27.65
CA LEU C 33 13.58 5.87 27.50
C LEU C 33 13.21 5.66 26.04
N LEU C 34 13.95 6.28 25.12
CA LEU C 34 13.70 6.12 23.69
C LEU C 34 14.53 5.00 23.09
N ARG C 35 15.82 4.95 23.42
CA ARG C 35 16.72 4.02 22.74
C ARG C 35 16.53 2.58 23.21
N VAL C 36 16.04 2.38 24.44
CA VAL C 36 15.94 1.04 25.00
C VAL C 36 14.50 0.74 25.45
N VAL C 37 13.96 1.59 26.31
CA VAL C 37 12.65 1.32 26.91
C VAL C 37 11.58 1.25 25.81
N LEU C 38 11.43 2.34 25.05
CA LEU C 38 10.38 2.38 24.04
C LEU C 38 10.66 1.39 22.92
N LYS C 39 11.93 1.22 22.55
CA LYS C 39 12.26 0.30 21.46
C LYS C 39 11.96 -1.15 21.83
N THR C 40 12.03 -1.50 23.12
CA THR C 40 11.68 -2.87 23.50
C THR C 40 10.18 -3.05 23.70
N LEU C 41 9.47 -2.02 24.16
CA LEU C 41 8.03 -2.11 24.25
C LEU C 41 7.38 -2.04 22.87
N TRP C 42 7.89 -1.16 22.01
CA TRP C 42 7.33 -1.02 20.67
C TRP C 42 7.45 -2.32 19.89
N LYS C 43 8.55 -3.05 20.08
CA LYS C 43 8.82 -4.30 19.38
C LYS C 43 8.35 -5.52 20.16
N HIS C 44 7.35 -5.37 21.03
CA HIS C 44 6.82 -6.47 21.81
C HIS C 44 5.60 -7.06 21.13
N GLN C 45 5.24 -8.28 21.54
CA GLN C 45 4.10 -8.96 20.93
C GLN C 45 2.80 -8.20 21.16
N PHE C 46 2.64 -7.62 22.35
CA PHE C 46 1.37 -7.04 22.77
C PHE C 46 1.29 -5.54 22.50
N ALA C 47 2.16 -5.00 21.65
CA ALA C 47 2.26 -3.56 21.49
C ALA C 47 1.23 -2.97 20.53
N TRP C 48 0.61 -3.79 19.68
CA TRP C 48 -0.27 -3.29 18.63
C TRP C 48 -1.40 -2.37 19.08
N PRO C 49 -2.10 -2.61 20.20
CA PRO C 49 -3.22 -1.72 20.55
C PRO C 49 -2.77 -0.36 21.07
N PHE C 50 -1.50 -0.19 21.43
CA PHE C 50 -1.04 1.02 22.08
C PHE C 50 -0.01 1.80 21.26
N GLN C 51 0.29 1.37 20.03
CA GLN C 51 1.25 2.08 19.20
C GLN C 51 0.67 3.35 18.59
N GLN C 52 -0.65 3.53 18.66
CA GLN C 52 -1.33 4.69 18.08
C GLN C 52 -2.50 5.01 18.98
N PRO C 53 -3.08 6.21 18.86
CA PRO C 53 -4.24 6.55 19.69
C PRO C 53 -5.41 5.62 19.39
N VAL C 54 -6.25 5.42 20.40
CA VAL C 54 -7.41 4.53 20.25
C VAL C 54 -8.35 5.13 19.23
N ASP C 55 -8.65 4.36 18.18
CA ASP C 55 -9.58 4.79 17.14
C ASP C 55 -10.99 4.45 17.60
N ALA C 56 -11.59 5.34 18.39
CA ALA C 56 -12.92 5.12 18.92
C ALA C 56 -13.98 5.09 17.82
N VAL C 57 -13.66 5.59 16.63
CA VAL C 57 -14.62 5.56 15.54
C VAL C 57 -14.72 4.17 14.93
N LYS C 58 -13.58 3.61 14.50
CA LYS C 58 -13.58 2.28 13.91
C LYS C 58 -13.95 1.22 14.93
N LEU C 59 -13.46 1.35 16.17
CA LEU C 59 -13.73 0.37 17.21
C LEU C 59 -15.13 0.53 17.82
N ASN C 60 -15.89 1.53 17.41
CA ASN C 60 -17.22 1.79 17.93
C ASN C 60 -17.20 1.96 19.46
N LEU C 61 -16.47 2.99 19.89
CA LEU C 61 -16.31 3.32 21.31
C LEU C 61 -16.73 4.77 21.52
N PRO C 62 -18.04 5.07 21.45
CA PRO C 62 -18.48 6.46 21.57
C PRO C 62 -18.24 7.08 22.93
N ASP C 63 -17.79 6.29 23.91
CA ASP C 63 -17.56 6.79 25.26
C ASP C 63 -16.10 6.71 25.69
N TYR C 64 -15.19 6.32 24.79
CA TYR C 64 -13.78 6.20 25.19
C TYR C 64 -13.23 7.55 25.63
N TYR C 65 -13.43 8.58 24.80
CA TYR C 65 -12.94 9.91 25.14
C TYR C 65 -13.84 10.66 26.12
N LYS C 66 -14.99 10.08 26.48
CA LYS C 66 -15.74 10.58 27.62
C LYS C 66 -15.09 10.16 28.93
N ILE C 67 -14.63 8.91 29.00
CA ILE C 67 -14.01 8.38 30.22
C ILE C 67 -12.52 8.71 30.28
N ILE C 68 -11.81 8.56 29.17
CA ILE C 68 -10.36 8.78 29.13
C ILE C 68 -10.14 10.28 28.86
N LYS C 69 -9.84 11.03 29.93
CA LYS C 69 -9.73 12.47 29.81
C LYS C 69 -8.40 12.90 29.22
N THR C 70 -7.34 12.13 29.43
CA THR C 70 -6.03 12.41 28.84
C THR C 70 -5.55 11.14 28.13
N PRO C 71 -5.87 10.99 26.85
CA PRO C 71 -5.41 9.81 26.11
C PRO C 71 -3.91 9.85 25.88
N MET C 72 -3.35 8.66 25.64
CA MET C 72 -1.91 8.53 25.48
C MET C 72 -1.60 7.20 24.82
N ASP C 73 -0.53 7.19 24.01
CA ASP C 73 -0.11 6.00 23.29
C ASP C 73 1.39 6.09 23.06
N MET C 74 1.98 4.97 22.65
CA MET C 74 3.42 4.93 22.42
C MET C 74 3.83 5.73 21.19
N GLY C 75 2.94 5.83 20.20
CA GLY C 75 3.25 6.68 19.06
C GLY C 75 3.36 8.14 19.43
N THR C 76 2.50 8.60 20.36
CA THR C 76 2.62 9.96 20.86
C THR C 76 3.86 10.12 21.73
N ILE C 77 4.18 9.10 22.55
CA ILE C 77 5.35 9.16 23.41
C ILE C 77 6.63 9.21 22.58
N LYS C 78 6.67 8.45 21.49
CA LYS C 78 7.84 8.49 20.60
C LYS C 78 8.01 9.88 19.98
N LYS C 79 6.94 10.45 19.46
CA LYS C 79 7.01 11.79 18.87
C LYS C 79 7.47 12.82 19.90
N ARG C 80 6.98 12.70 21.13
CA ARG C 80 7.40 13.64 22.17
C ARG C 80 8.86 13.44 22.56
N LEU C 81 9.32 12.18 22.59
CA LEU C 81 10.72 11.91 22.88
C LEU C 81 11.65 12.34 21.76
N GLU C 82 11.14 12.55 20.55
CA GLU C 82 11.97 12.92 19.41
C GLU C 82 11.89 14.40 19.06
N ASN C 83 11.07 15.19 19.77
CA ASN C 83 10.93 16.61 19.51
C ASN C 83 11.22 17.46 20.73
N ASN C 84 12.05 16.94 21.65
CA ASN C 84 12.46 17.67 22.85
C ASN C 84 11.27 18.13 23.69
N TYR C 85 10.17 17.37 23.64
CA TYR C 85 8.95 17.78 24.32
C TYR C 85 9.09 17.67 25.83
N TYR C 86 9.64 16.57 26.31
CA TYR C 86 9.69 16.32 27.75
C TYR C 86 10.75 17.18 28.41
N TRP C 87 10.41 17.72 29.57
CA TRP C 87 11.39 18.48 30.36
C TRP C 87 12.36 17.58 31.08
N ASN C 88 11.86 16.50 31.69
CA ASN C 88 12.70 15.54 32.39
C ASN C 88 12.15 14.14 32.13
N ALA C 89 12.84 13.14 32.68
CA ALA C 89 12.45 11.75 32.42
C ALA C 89 11.13 11.41 33.08
N GLN C 90 10.83 11.99 34.25
CA GLN C 90 9.62 11.62 34.98
C GLN C 90 8.36 12.01 34.21
N GLU C 91 8.42 13.10 33.43
CA GLU C 91 7.29 13.47 32.60
C GLU C 91 6.98 12.37 31.58
N CYS C 92 8.01 11.78 30.99
CA CYS C 92 7.81 10.69 30.05
C CYS C 92 7.31 9.43 30.77
N ILE C 93 7.81 9.19 31.98
CA ILE C 93 7.33 8.06 32.76
C ILE C 93 5.87 8.23 33.15
N GLN C 94 5.42 9.48 33.33
CA GLN C 94 4.02 9.70 33.66
C GLN C 94 3.13 9.43 32.46
N ASP C 95 3.59 9.78 31.25
CA ASP C 95 2.84 9.46 30.05
C ASP C 95 2.69 7.96 29.87
N PHE C 96 3.76 7.21 30.10
CA PHE C 96 3.67 5.75 30.05
C PHE C 96 2.64 5.24 31.05
N ASN C 97 2.72 5.71 32.30
CA ASN C 97 1.75 5.29 33.31
C ASN C 97 0.33 5.67 32.91
N THR C 98 0.16 6.85 32.31
CA THR C 98 -1.16 7.26 31.83
C THR C 98 -1.68 6.28 30.78
N MET C 99 -0.80 5.81 29.89
CA MET C 99 -1.21 4.86 28.87
C MET C 99 -1.71 3.56 29.48
N PHE C 100 -0.91 2.97 30.38
CA PHE C 100 -1.35 1.74 31.05
C PHE C 100 -2.60 1.99 31.88
N THR C 101 -2.68 3.15 32.52
CA THR C 101 -3.80 3.43 33.42
C THR C 101 -5.10 3.64 32.65
N ASN C 102 -5.04 4.37 31.53
CA ASN C 102 -6.23 4.55 30.70
C ASN C 102 -6.80 3.21 30.25
N CYS C 103 -5.94 2.21 30.05
CA CYS C 103 -6.44 0.89 29.66
C CYS C 103 -7.16 0.21 30.80
N TYR C 104 -6.61 0.32 32.02
CA TYR C 104 -7.28 -0.27 33.18
C TYR C 104 -8.59 0.45 33.50
N ILE C 105 -8.69 1.73 33.16
CA ILE C 105 -9.88 2.51 33.48
C ILE C 105 -11.03 2.18 32.54
N TYR C 106 -10.74 2.09 31.24
CA TYR C 106 -11.81 1.90 30.26
C TYR C 106 -12.27 0.45 30.19
N ASN C 107 -11.35 -0.49 30.32
CA ASN C 107 -11.66 -1.91 30.17
C ASN C 107 -11.85 -2.55 31.54
N LYS C 108 -12.34 -3.79 31.51
CA LYS C 108 -12.58 -4.61 32.70
C LYS C 108 -11.39 -5.50 32.98
N PRO C 109 -11.00 -5.65 34.25
CA PRO C 109 -9.90 -6.58 34.57
C PRO C 109 -10.25 -8.00 34.14
N GLY C 110 -9.24 -8.72 33.66
CA GLY C 110 -9.43 -10.02 33.07
C GLY C 110 -9.55 -10.01 31.57
N ASP C 111 -9.84 -8.86 30.97
CA ASP C 111 -9.80 -8.74 29.53
C ASP C 111 -8.39 -9.00 29.02
N ASP C 112 -8.29 -9.54 27.80
CA ASP C 112 -6.98 -9.72 27.21
C ASP C 112 -6.25 -8.40 27.03
N ILE C 113 -7.00 -7.33 26.71
CA ILE C 113 -6.39 -6.02 26.53
C ILE C 113 -5.73 -5.55 27.83
N VAL C 114 -6.37 -5.81 28.97
CA VAL C 114 -5.80 -5.43 30.25
C VAL C 114 -4.57 -6.29 30.57
N LEU C 115 -4.65 -7.58 30.28
CA LEU C 115 -3.50 -8.46 30.48
C LEU C 115 -2.32 -8.02 29.62
N MET C 116 -2.58 -7.55 28.40
CA MET C 116 -1.51 -7.09 27.54
C MET C 116 -0.90 -5.79 28.06
N ALA C 117 -1.74 -4.85 28.50
CA ALA C 117 -1.22 -3.63 29.10
C ALA C 117 -0.41 -3.94 30.34
N GLU C 118 -0.86 -4.90 31.16
CA GLU C 118 -0.11 -5.28 32.35
C GLU C 118 1.23 -5.91 32.00
N ALA C 119 1.29 -6.67 30.91
CA ALA C 119 2.55 -7.27 30.50
C ALA C 119 3.55 -6.22 30.06
N LEU C 120 3.09 -5.22 29.29
CA LEU C 120 3.98 -4.14 28.87
C LEU C 120 4.41 -3.29 30.05
N GLU C 121 3.49 -3.00 30.98
CA GLU C 121 3.85 -2.25 32.17
C GLU C 121 4.89 -2.99 32.99
N LYS C 122 4.75 -4.32 33.11
CA LYS C 122 5.77 -5.10 33.82
C LYS C 122 7.12 -5.01 33.13
N LEU C 123 7.13 -5.06 31.80
CA LEU C 123 8.39 -4.90 31.08
C LEU C 123 8.91 -3.46 31.19
N PHE C 124 7.99 -2.49 31.20
CA PHE C 124 8.39 -1.10 31.34
C PHE C 124 9.06 -0.84 32.69
N LEU C 125 8.48 -1.37 33.77
CA LEU C 125 9.02 -1.14 35.10
C LEU C 125 10.40 -1.76 35.26
N GLN C 126 10.62 -2.92 34.64
CA GLN C 126 11.93 -3.56 34.72
C GLN C 126 12.98 -2.77 33.96
N LYS C 127 12.66 -2.30 32.76
CA LYS C 127 13.63 -1.56 31.95
C LYS C 127 14.01 -0.25 32.62
N ILE C 128 13.04 0.50 33.15
CA ILE C 128 13.34 1.75 33.83
C ILE C 128 14.00 1.54 35.18
N ASN C 129 13.99 0.31 35.70
CA ASN C 129 14.66 0.02 36.95
C ASN C 129 16.17 0.20 36.86
N GLU C 130 16.72 0.36 35.65
CA GLU C 130 18.12 0.67 35.43
C GLU C 130 18.19 1.95 34.63
N LEU C 131 18.29 3.09 35.33
CA LEU C 131 18.34 4.42 34.73
C LEU C 131 19.72 5.04 34.95
N PRO C 132 20.14 5.94 34.06
CA PRO C 132 21.45 6.59 34.22
C PRO C 132 21.44 7.59 35.37
N THR C 133 22.65 7.98 35.78
CA THR C 133 22.87 8.97 36.83
C THR C 133 22.09 8.66 38.11
N ASN D 28 0.14 -11.22 -2.45
CA ASN D 28 1.58 -11.43 -2.63
C ASN D 28 2.30 -10.12 -2.98
N GLN D 29 1.85 -9.47 -4.06
CA GLN D 29 2.52 -8.25 -4.51
C GLN D 29 2.38 -7.14 -3.48
N LEU D 30 1.16 -6.86 -3.02
CA LEU D 30 0.96 -5.85 -1.99
C LEU D 30 1.68 -6.25 -0.70
N GLN D 31 1.71 -7.54 -0.40
CA GLN D 31 2.47 -8.00 0.76
C GLN D 31 3.97 -7.77 0.55
N TYR D 32 4.47 -8.04 -0.66
CA TYR D 32 5.88 -7.82 -0.95
C TYR D 32 6.27 -6.35 -0.85
N LEU D 33 5.36 -5.46 -1.29
CA LEU D 33 5.62 -4.03 -1.19
C LEU D 33 5.74 -3.58 0.26
N LEU D 34 5.01 -4.23 1.16
CA LEU D 34 5.07 -3.93 2.59
C LEU D 34 6.16 -4.72 3.29
N ARG D 35 6.23 -6.04 3.02
CA ARG D 35 7.16 -6.89 3.74
C ARG D 35 8.61 -6.63 3.34
N VAL D 36 8.85 -6.19 2.11
CA VAL D 36 10.22 -6.07 1.61
C VAL D 36 10.52 -4.66 1.16
N VAL D 37 9.73 -4.15 0.21
CA VAL D 37 10.04 -2.87 -0.43
C VAL D 37 10.01 -1.74 0.59
N LEU D 38 8.87 -1.55 1.25
CA LEU D 38 8.73 -0.43 2.17
C LEU D 38 9.69 -0.57 3.36
N LYS D 39 9.92 -1.80 3.82
CA LYS D 39 10.78 -1.99 4.99
C LYS D 39 12.20 -1.54 4.69
N THR D 40 12.76 -1.95 3.54
CA THR D 40 14.13 -1.57 3.22
C THR D 40 14.24 -0.06 2.97
N LEU D 41 13.25 0.53 2.32
CA LEU D 41 13.25 1.98 2.16
C LEU D 41 13.05 2.68 3.50
N TRP D 42 12.19 2.12 4.36
CA TRP D 42 11.92 2.75 5.66
C TRP D 42 13.18 2.79 6.52
N LYS D 43 13.98 1.72 6.50
CA LYS D 43 15.19 1.64 7.29
C LYS D 43 16.41 2.21 6.56
N HIS D 44 16.21 3.01 5.53
CA HIS D 44 17.32 3.56 4.77
C HIS D 44 17.85 4.84 5.42
N GLN D 45 19.08 5.19 5.06
CA GLN D 45 19.73 6.37 5.62
C GLN D 45 18.99 7.66 5.24
N PHE D 46 18.35 7.68 4.08
CA PHE D 46 17.76 8.90 3.54
C PHE D 46 16.25 8.97 3.72
N ALA D 47 15.66 8.10 4.54
CA ALA D 47 14.22 8.00 4.63
C ALA D 47 13.58 9.09 5.49
N TRP D 48 14.35 9.72 6.37
CA TRP D 48 13.77 10.60 7.39
C TRP D 48 12.82 11.68 6.88
N PRO D 49 13.07 12.38 5.77
CA PRO D 49 12.11 13.42 5.36
C PRO D 49 10.89 12.88 4.66
N PHE D 50 10.82 11.58 4.37
CA PHE D 50 9.72 10.99 3.64
C PHE D 50 8.90 10.01 4.45
N GLN D 51 9.19 9.84 5.74
CA GLN D 51 8.46 8.90 6.58
C GLN D 51 7.16 9.46 7.12
N GLN D 52 6.89 10.75 6.90
CA GLN D 52 5.69 11.40 7.40
C GLN D 52 5.39 12.55 6.46
N PRO D 53 4.14 13.05 6.46
CA PRO D 53 3.81 14.17 5.58
C PRO D 53 4.69 15.38 5.86
N VAL D 54 4.89 16.20 4.84
CA VAL D 54 5.73 17.38 4.96
C VAL D 54 5.06 18.37 5.92
N ASP D 55 5.75 18.70 7.02
CA ASP D 55 5.25 19.67 7.99
C ASP D 55 5.56 21.07 7.45
N ALA D 56 4.68 21.56 6.57
CA ALA D 56 4.88 22.85 5.95
C ALA D 56 4.81 24.00 6.95
N VAL D 57 4.28 23.75 8.14
CA VAL D 57 4.18 24.82 9.15
C VAL D 57 5.50 24.98 9.89
N LYS D 58 6.08 23.87 10.35
CA LYS D 58 7.37 23.95 11.03
C LYS D 58 8.48 24.32 10.06
N LEU D 59 8.45 23.77 8.85
CA LEU D 59 9.47 24.02 7.84
C LEU D 59 9.29 25.35 7.12
N ASN D 60 8.26 26.13 7.47
CA ASN D 60 8.00 27.43 6.86
C ASN D 60 7.87 27.33 5.33
N LEU D 61 6.91 26.50 4.91
CA LEU D 61 6.63 26.27 3.49
C LEU D 61 5.18 26.62 3.20
N PRO D 62 4.84 27.91 3.18
CA PRO D 62 3.44 28.30 2.99
C PRO D 62 2.88 27.96 1.63
N ASP D 63 3.72 27.59 0.66
CA ASP D 63 3.28 27.27 -0.69
C ASP D 63 3.48 25.82 -1.05
N TYR D 64 3.84 24.96 -0.08
CA TYR D 64 4.06 23.55 -0.40
C TYR D 64 2.78 22.90 -0.91
N TYR D 65 1.69 23.07 -0.16
CA TYR D 65 0.42 22.47 -0.55
C TYR D 65 -0.30 23.28 -1.63
N LYS D 66 0.23 24.44 -2.03
CA LYS D 66 -0.24 25.09 -3.24
C LYS D 66 0.33 24.42 -4.47
N ILE D 67 1.56 23.95 -4.40
CA ILE D 67 2.23 23.32 -5.53
C ILE D 67 1.99 21.82 -5.56
N ILE D 68 1.95 21.19 -4.39
CA ILE D 68 1.79 19.74 -4.27
C ILE D 68 0.30 19.46 -4.01
N LYS D 69 -0.43 19.12 -5.08
CA LYS D 69 -1.85 18.85 -4.96
C LYS D 69 -2.12 17.47 -4.36
N THR D 70 -1.21 16.52 -4.57
CA THR D 70 -1.35 15.15 -4.06
C THR D 70 -0.15 14.83 -3.19
N PRO D 71 -0.19 15.20 -1.91
CA PRO D 71 0.92 14.86 -1.02
C PRO D 71 0.92 13.37 -0.72
N MET D 72 2.11 12.85 -0.43
CA MET D 72 2.27 11.43 -0.17
C MET D 72 3.58 11.21 0.58
N ASP D 73 3.59 10.18 1.42
CA ASP D 73 4.77 9.85 2.21
C ASP D 73 4.74 8.36 2.53
N MET D 74 5.85 7.87 3.10
CA MET D 74 5.95 6.45 3.41
C MET D 74 5.09 6.07 4.61
N GLY D 75 4.83 7.00 5.52
CA GLY D 75 3.92 6.71 6.61
C GLY D 75 2.50 6.50 6.14
N THR D 76 2.07 7.29 5.15
CA THR D 76 0.75 7.08 4.55
C THR D 76 0.70 5.79 3.76
N ILE D 77 1.77 5.47 3.04
CA ILE D 77 1.80 4.26 2.23
C ILE D 77 1.77 3.02 3.11
N LYS D 78 2.52 3.04 4.22
CA LYS D 78 2.49 1.91 5.15
C LYS D 78 1.12 1.74 5.77
N LYS D 79 0.46 2.85 6.10
CA LYS D 79 -0.88 2.77 6.67
C LYS D 79 -1.87 2.19 5.67
N ARG D 80 -1.79 2.63 4.41
CA ARG D 80 -2.68 2.10 3.38
C ARG D 80 -2.38 0.64 3.09
N LEU D 81 -1.09 0.24 3.15
CA LEU D 81 -0.74 -1.16 2.96
C LEU D 81 -1.19 -2.05 4.10
N GLU D 82 -1.53 -1.47 5.25
CA GLU D 82 -1.95 -2.26 6.41
C GLU D 82 -3.45 -2.25 6.64
N ASN D 83 -4.21 -1.43 5.91
CA ASN D 83 -5.65 -1.33 6.08
C ASN D 83 -6.41 -1.73 4.81
N ASN D 84 -5.83 -2.62 4.00
CA ASN D 84 -6.47 -3.13 2.79
C ASN D 84 -6.92 -2.01 1.85
N TYR D 85 -6.17 -0.90 1.84
CA TYR D 85 -6.60 0.27 1.07
C TYR D 85 -6.43 0.06 -0.42
N TYR D 86 -5.31 -0.51 -0.83
CA TYR D 86 -5.00 -0.63 -2.25
C TYR D 86 -5.77 -1.77 -2.89
N TRP D 87 -6.29 -1.53 -4.10
CA TRP D 87 -6.93 -2.59 -4.86
C TRP D 87 -5.89 -3.51 -5.50
N ASN D 88 -4.82 -2.94 -6.04
CA ASN D 88 -3.76 -3.73 -6.65
C ASN D 88 -2.42 -3.10 -6.31
N ALA D 89 -1.35 -3.78 -6.71
CA ALA D 89 0.00 -3.31 -6.41
C ALA D 89 0.34 -2.03 -7.17
N GLN D 90 -0.25 -1.84 -8.35
CA GLN D 90 0.09 -0.68 -9.16
C GLN D 90 -0.34 0.63 -8.50
N GLU D 91 -1.45 0.61 -7.75
CA GLU D 91 -1.85 1.81 -7.02
C GLU D 91 -0.80 2.19 -5.98
N CYS D 92 -0.26 1.20 -5.26
CA CYS D 92 0.78 1.48 -4.28
C CYS D 92 2.04 2.00 -4.95
N ILE D 93 2.39 1.44 -6.11
CA ILE D 93 3.55 1.93 -6.85
C ILE D 93 3.32 3.36 -7.32
N GLN D 94 2.08 3.69 -7.67
CA GLN D 94 1.76 5.07 -8.05
C GLN D 94 1.97 6.02 -6.88
N ASP D 95 1.58 5.60 -5.68
CA ASP D 95 1.78 6.44 -4.50
C ASP D 95 3.26 6.70 -4.27
N PHE D 96 4.10 5.67 -4.37
CA PHE D 96 5.55 5.87 -4.29
C PHE D 96 6.01 6.85 -5.37
N ASN D 97 5.59 6.62 -6.62
CA ASN D 97 5.97 7.53 -7.70
C ASN D 97 5.53 8.95 -7.38
N THR D 98 4.34 9.13 -6.82
CA THR D 98 3.88 10.45 -6.44
C THR D 98 4.78 11.05 -5.36
N MET D 99 5.22 10.23 -4.41
CA MET D 99 6.09 10.73 -3.36
C MET D 99 7.42 11.23 -3.93
N PHE D 100 8.06 10.43 -4.77
CA PHE D 100 9.35 10.83 -5.34
C PHE D 100 9.20 12.07 -6.20
N THR D 101 8.18 12.12 -7.06
CA THR D 101 8.03 13.25 -7.97
C THR D 101 7.57 14.51 -7.25
N ASN D 102 6.76 14.37 -6.19
CA ASN D 102 6.44 15.54 -5.36
C ASN D 102 7.71 16.25 -4.90
N CYS D 103 8.72 15.48 -4.51
CA CYS D 103 9.99 16.08 -4.10
C CYS D 103 10.67 16.75 -5.28
N TYR D 104 10.61 16.14 -6.46
CA TYR D 104 11.22 16.73 -7.66
C TYR D 104 10.48 17.99 -8.08
N ILE D 105 9.17 18.06 -7.86
CA ILE D 105 8.39 19.22 -8.29
C ILE D 105 8.66 20.42 -7.38
N TYR D 106 8.62 20.20 -6.07
CA TYR D 106 8.69 21.34 -5.15
C TYR D 106 10.11 21.88 -5.03
N ASN D 107 11.11 21.00 -5.02
CA ASN D 107 12.49 21.40 -4.81
C ASN D 107 13.22 21.48 -6.14
N LYS D 108 14.46 21.99 -6.08
CA LYS D 108 15.24 22.19 -7.29
C LYS D 108 16.34 21.13 -7.40
N PRO D 109 16.63 20.68 -8.61
CA PRO D 109 17.65 19.64 -8.79
C PRO D 109 19.00 20.12 -8.27
N GLY D 110 19.76 19.18 -7.72
CA GLY D 110 20.99 19.48 -7.02
C GLY D 110 20.82 19.60 -5.52
N ASP D 111 19.60 19.89 -5.05
CA ASP D 111 19.34 19.88 -3.62
C ASP D 111 19.61 18.50 -3.05
N ASP D 112 20.11 18.47 -1.81
CA ASP D 112 20.33 17.20 -1.14
C ASP D 112 19.03 16.41 -1.03
N ILE D 113 17.93 17.11 -0.79
CA ILE D 113 16.64 16.43 -0.65
C ILE D 113 16.29 15.67 -1.93
N VAL D 114 16.61 16.24 -3.09
CA VAL D 114 16.32 15.58 -4.35
C VAL D 114 17.23 14.38 -4.58
N LEU D 115 18.52 14.53 -4.23
CA LEU D 115 19.45 13.41 -4.36
C LEU D 115 19.04 12.26 -3.44
N MET D 116 18.50 12.59 -2.26
CA MET D 116 18.04 11.54 -1.34
C MET D 116 16.81 10.83 -1.90
N ALA D 117 15.85 11.59 -2.40
CA ALA D 117 14.67 10.99 -3.01
C ALA D 117 15.04 10.14 -4.21
N GLU D 118 16.06 10.56 -4.96
CA GLU D 118 16.50 9.78 -6.12
C GLU D 118 17.14 8.47 -5.69
N ALA D 119 17.95 8.50 -4.64
CA ALA D 119 18.56 7.27 -4.15
C ALA D 119 17.50 6.28 -3.67
N LEU D 120 16.44 6.79 -3.04
CA LEU D 120 15.35 5.92 -2.61
C LEU D 120 14.55 5.39 -3.79
N GLU D 121 14.30 6.25 -4.79
CA GLU D 121 13.64 5.78 -6.00
C GLU D 121 14.48 4.73 -6.71
N LYS D 122 15.80 4.93 -6.74
CA LYS D 122 16.67 3.92 -7.34
C LYS D 122 16.55 2.59 -6.60
N LEU D 123 16.53 2.64 -5.26
CA LEU D 123 16.36 1.41 -4.48
C LEU D 123 14.96 0.85 -4.68
N PHE D 124 13.95 1.71 -4.71
CA PHE D 124 12.57 1.26 -4.90
C PHE D 124 12.42 0.53 -6.23
N LEU D 125 12.96 1.09 -7.31
CA LEU D 125 12.81 0.49 -8.63
C LEU D 125 13.48 -0.88 -8.69
N GLN D 126 14.63 -1.03 -8.06
CA GLN D 126 15.32 -2.33 -8.07
C GLN D 126 14.53 -3.38 -7.30
N LYS D 127 13.98 -3.01 -6.14
CA LYS D 127 13.30 -3.99 -5.31
C LYS D 127 12.01 -4.48 -5.95
N ILE D 128 11.29 -3.59 -6.63
CA ILE D 128 10.04 -4.00 -7.28
C ILE D 128 10.28 -4.81 -8.54
N ASN D 129 11.50 -4.80 -9.07
CA ASN D 129 11.79 -5.60 -10.25
C ASN D 129 11.84 -7.09 -9.98
N GLU D 130 11.50 -7.52 -8.75
CA GLU D 130 11.37 -8.92 -8.40
C GLU D 130 10.05 -9.08 -7.65
N LEU D 131 8.97 -9.34 -8.38
CA LEU D 131 7.66 -9.52 -7.77
C LEU D 131 7.22 -10.98 -7.83
CAA 4JI E . 4.29 -11.34 -31.53
CAB 4JI E . 5.24 -12.08 -32.23
CAC 4JI E . 3.64 -11.92 -30.43
CAD 4JI E . 5.54 -13.38 -31.86
CAE 4JI E . 3.95 -13.23 -30.07
CAF 4JI E . 4.90 -13.96 -30.78
CAG 4JI E . 4.06 -10.02 -31.97
CAH 4JI E . 3.84 -9.82 -33.47
CAI 4JI E . 3.65 -8.34 -33.83
CAK 4JI E . 3.42 -8.01 -35.17
CAL 4JI E . 3.39 -6.31 -36.88
CAM 4JI E . 2.99 -7.26 -37.81
CAN 4JI E . 3.60 -6.69 -35.57
CAO 4JI E . 2.81 -8.58 -37.42
CAP 4JI E . 3.03 -8.96 -36.10
CAQ 4JI E . 2.56 -11.20 -29.59
CAT 4JI E . 4.43 -15.81 -29.47
CAU 4JI E . 6.90 -13.57 -33.73
CAW 4JI E . 1.85 -8.95 -39.52
CAY 4JI E . 4.38 -4.56 -35.13
CAZ 4JI E . 3.08 -10.06 -28.69
CBB 4JI E . 4.99 -9.69 -27.17
CBD 4JI E . 4.97 -8.25 -27.69
NBA 4JI E . 4.07 -10.51 -27.70
OAJ 4JI E . 4.12 -9.07 -31.21
OAR 4JI E . 5.25 -15.24 -30.49
OAS 4JI E . 6.46 -14.16 -32.50
OAV 4JI E . 2.42 -9.53 -38.33
OAX 4JI E . 4.00 -5.82 -34.59
OBC 4JI E . 5.82 -10.04 -26.34
CL CL F . 10.06 16.86 -15.88
CAA 4JI G . -16.86 -3.19 13.41
CAB 4JI G . -17.17 -1.82 13.34
CAC 4JI G . -17.73 -4.07 14.09
CAD 4JI G . -18.31 -1.33 13.95
CAE 4JI G . -18.87 -3.54 14.72
CAF 4JI G . -19.16 -2.19 14.64
CAG 4JI G . -15.71 -3.59 12.75
CAH 4JI G . -14.43 -2.76 12.98
CAI 4JI G . -13.25 -3.27 12.14
CAK 4JI G . -12.03 -2.61 12.28
CAL 4JI G . -9.82 -2.16 11.42
CAM 4JI G . -9.58 -1.32 12.50
CAN 4JI G . -11.06 -2.80 11.33
CAO 4JI G . -10.56 -1.12 13.47
CAP 4JI G . -11.79 -1.77 13.36
CAQ 4JI G . -17.46 -5.58 14.25
CAT 4JI G . -21.04 -2.55 15.94
CAU 4JI G . -17.68 0.83 13.37
CAW 4JI G . -8.94 -0.10 14.75
CAY 4JI G . -10.32 -3.77 9.35
CAZ 4JI G . -17.67 -6.39 12.96
CBB 4JI G . -19.41 -6.64 11.24
CBD 4JI G . -18.26 -6.89 10.26
NBA 4JI G . -19.06 -6.38 12.51
OAJ 4JI G . -15.70 -4.50 11.92
OAR 4JI G . -20.26 -1.62 15.21
OAS 4JI G . -18.69 -0.02 13.93
OAV 4JI G . -10.34 -0.31 14.53
OAX 4JI G . -11.38 -3.64 10.30
OBC 4JI G . -20.57 -6.65 10.83
CAA 4JI H . -9.06 -3.08 21.75
CAB 4JI H . -8.80 -4.44 21.86
CAC 4JI H . -9.98 -2.48 22.63
CAD 4JI H . -9.46 -5.21 22.82
CAE 4JI H . -10.63 -3.25 23.58
CAF 4JI H . -10.37 -4.63 23.67
CAG 4JI H . -8.35 -2.38 20.76
CAH 4JI H . -8.33 -2.99 19.37
CAI 4JI H . -7.51 -2.19 18.35
CAK 4JI H . -7.47 -2.68 17.05
CAL 4JI H . -6.41 -2.74 14.88
CAM 4JI H . -7.36 -3.65 14.44
CAN 4JI H . -6.47 -2.26 16.19
CAO 4JI H . -8.37 -4.09 15.30
CAP 4JI H . -8.42 -3.59 16.61
CAQ 4JI H . -10.35 -0.98 22.58
CAT 4JI H . -11.87 -4.74 25.44
CAU 4JI H . -8.27 -7.08 22.09
CAW 4JI H . -9.21 -5.27 13.49
CAY 4JI H . -4.42 -1.22 15.85
CAZ 4JI H . -9.27 -0.02 23.14
CBB 4JI H . -7.63 -0.16 24.98
CBD 4JI H . -6.63 0.44 23.97
NBA 4JI H . -8.88 -0.36 24.51
OAJ 4JI H . -7.72 -1.35 21.01
OAR 4JI H . -10.96 -5.45 24.58
OAS 4JI H . -9.26 -6.55 22.98
OAV 4JI H . -9.32 -4.97 14.88
OAX 4JI H . -5.57 -1.37 16.70
OBC 4JI H . -7.27 -0.42 26.12
CL CL I . -14.24 -22.87 -12.22
CL CL J . 12.33 19.65 37.85
CAA 4JI K . 13.26 19.26 3.68
CAB 4JI K . 14.63 19.09 3.62
CAC 4JI K . 12.63 20.11 2.75
CAD 4JI K . 15.39 19.74 2.67
CAE 4JI K . 13.41 20.76 1.80
CAF 4JI K . 14.79 20.58 1.76
CAG 4JI K . 12.56 18.56 4.67
CAH 4JI K . 13.14 18.66 6.10
CAI 4JI K . 12.35 17.83 7.12
CAK 4JI K . 12.79 17.88 8.44
CAL 4JI K . 12.82 16.87 10.65
CAM 4JI K . 13.62 17.90 11.11
CAN 4JI K . 12.41 16.86 9.32
CAO 4JI K . 14.01 18.93 10.25
CAP 4JI K . 13.59 18.92 8.91
CAQ 4JI K . 11.12 20.39 2.73
CAT 4JI K . 14.91 22.01 -0.08
CAU 4JI K . 17.29 18.79 3.62
CAW 4JI K . 15.04 19.90 12.10
CAY 4JI K . 11.44 14.79 9.70
CAZ 4JI K . 10.26 19.22 2.19
CBB 4JI K . 10.52 17.58 0.38
CBD 4JI K . 10.01 16.56 1.40
NBA 4JI K . 10.63 18.84 0.82
OAJ 4JI K . 11.61 17.83 4.43
OAR 4JI K . 15.62 21.18 0.86
OAS 4JI K . 16.75 19.61 2.58
OAV 4JI K . 14.80 19.96 10.69
OAX 4JI K . 11.62 15.89 8.79
OBC 4JI K . 10.80 17.22 -0.76
CL CL L . -7.54 -3.73 -12.17
#